data_6G2F
#
_entry.id   6G2F
#
_cell.length_a   43.927
_cell.length_b   48.127
_cell.length_c   63.662
_cell.angle_alpha   90.000
_cell.angle_beta   90.000
_cell.angle_gamma   90.000
#
_symmetry.space_group_name_H-M   'P 21 21 21'
#
loop_
_entity.id
_entity.type
_entity.pdbx_description
1 polymer 'Histone-lysine N-methyltransferase NSD3'
2 non-polymer 4-[5-(7-fluoranylquinolin-4-yl)-1-methyl-imidazol-4-yl]-3,5-dimethyl-1,2-oxazole
3 water water
#
_entity_poly.entity_id   1
_entity_poly.type   'polypeptide(L)'
_entity_poly.pdbx_seq_one_letter_code
;STGVKFQVGDLVWSKVGTYPWWPCMVSSDPQLEVHTKINTRGAREYHVQFFSNQPERAWVHEKRVREYKGHKQYEELLAE
ATKQASNHSEKQKIRKPRPQRERAQWDIGIAHAEKALKMTREERIEQYTFIYIDKQ
;
_entity_poly.pdbx_strand_id   A
#
loop_
_chem_comp.id
_chem_comp.type
_chem_comp.name
_chem_comp.formula
EHW non-polymer 4-[5-(7-fluoranylquinolin-4-yl)-1-methyl-imidazol-4-yl]-3,5-dimethyl-1,2-oxazole 'C18 H15 F N4 O'
#
# COMPACT_ATOMS: atom_id res chain seq x y z
N VAL A 4 10.36 11.24 -8.56
CA VAL A 4 10.07 9.88 -8.11
C VAL A 4 10.61 9.68 -6.67
N LYS A 5 9.68 9.51 -5.70
CA LYS A 5 9.91 9.35 -4.27
C LYS A 5 9.97 7.89 -3.82
N PHE A 6 9.34 6.99 -4.59
CA PHE A 6 9.30 5.56 -4.23
C PHE A 6 9.79 4.67 -5.34
N GLN A 7 10.33 3.51 -4.97
CA GLN A 7 10.82 2.53 -5.93
C GLN A 7 10.19 1.18 -5.68
N VAL A 8 10.33 0.26 -6.63
CA VAL A 8 9.77 -1.09 -6.51
C VAL A 8 10.27 -1.73 -5.22
N GLY A 9 9.37 -2.35 -4.47
CA GLY A 9 9.71 -3.00 -3.20
C GLY A 9 9.54 -2.13 -1.98
N ASP A 10 9.38 -0.80 -2.16
CA ASP A 10 9.17 0.09 -1.00
C ASP A 10 7.84 -0.26 -0.32
N LEU A 11 7.80 -0.19 1.02
CA LEU A 11 6.57 -0.42 1.78
C LEU A 11 5.93 0.94 1.99
N VAL A 12 4.64 1.02 1.67
CA VAL A 12 3.89 2.26 1.76
C VAL A 12 2.50 2.02 2.33
N TRP A 13 1.89 3.07 2.83
CA TRP A 13 0.50 3.08 3.22
C TRP A 13 -0.18 3.77 2.02
N SER A 14 -1.33 3.25 1.57
CA SER A 14 -2.10 3.91 0.49
C SER A 14 -3.54 4.13 0.99
N LYS A 15 -4.11 5.29 0.66
CA LYS A 15 -5.49 5.68 1.00
C LYS A 15 -6.24 5.72 -0.31
N VAL A 16 -7.05 4.69 -0.56
CA VAL A 16 -7.75 4.51 -1.83
C VAL A 16 -9.24 4.35 -1.60
N GLY A 17 -10.04 5.13 -2.33
CA GLY A 17 -11.49 5.07 -2.30
C GLY A 17 -12.09 5.28 -0.93
N THR A 18 -12.97 4.36 -0.52
CA THR A 18 -13.68 4.44 0.76
C THR A 18 -12.94 3.68 1.87
N TYR A 19 -11.74 3.16 1.56
CA TYR A 19 -11.00 2.34 2.51
C TYR A 19 -9.99 3.12 3.38
N PRO A 20 -9.70 2.60 4.59
CA PRO A 20 -8.71 3.28 5.45
C PRO A 20 -7.29 3.14 4.93
N TRP A 21 -6.34 3.93 5.48
CA TRP A 21 -4.92 3.83 5.09
C TRP A 21 -4.55 2.34 5.18
N TRP A 22 -4.02 1.79 4.08
CA TRP A 22 -3.78 0.34 3.99
C TRP A 22 -2.34 -0.02 3.65
N PRO A 23 -1.77 -1.07 4.28
CA PRO A 23 -0.37 -1.46 3.96
C PRO A 23 -0.22 -2.03 2.56
N CYS A 24 0.80 -1.54 1.83
CA CYS A 24 1.06 -1.89 0.43
C CYS A 24 2.53 -2.07 0.17
N MET A 25 2.82 -2.59 -1.02
CA MET A 25 4.17 -2.64 -1.56
C MET A 25 4.13 -2.02 -2.96
N VAL A 26 5.05 -1.08 -3.23
CA VAL A 26 5.19 -0.46 -4.56
C VAL A 26 5.69 -1.56 -5.54
N SER A 27 5.08 -1.64 -6.72
CA SER A 27 5.47 -2.67 -7.69
C SER A 27 5.32 -2.14 -9.10
N SER A 28 5.93 -2.83 -10.07
CA SER A 28 5.82 -2.43 -11.46
C SER A 28 4.45 -2.90 -12.02
N ASP A 29 3.71 -2.02 -12.71
CA ASP A 29 2.42 -2.42 -13.29
C ASP A 29 2.69 -3.57 -14.28
N PRO A 30 1.92 -4.67 -14.27
CA PRO A 30 2.23 -5.80 -15.19
C PRO A 30 2.12 -5.48 -16.67
N GLN A 31 1.28 -4.50 -17.05
CA GLN A 31 1.06 -4.08 -18.44
C GLN A 31 1.98 -2.93 -18.89
N LEU A 32 2.08 -1.86 -18.08
CA LEU A 32 2.87 -0.68 -18.42
C LEU A 32 4.36 -0.87 -18.12
N GLU A 33 4.70 -1.84 -17.25
CA GLU A 33 6.07 -2.18 -16.86
C GLU A 33 6.83 -1.00 -16.21
N VAL A 34 6.07 -0.12 -15.53
CA VAL A 34 6.55 1.05 -14.77
C VAL A 34 5.84 1.04 -13.41
N HIS A 35 6.50 1.56 -12.38
CA HIS A 35 5.90 1.59 -11.03
C HIS A 35 5.37 2.99 -10.70
N THR A 36 5.62 3.94 -11.60
CA THR A 36 5.21 5.34 -11.43
C THR A 36 4.89 5.93 -12.81
N LYS A 37 4.00 6.92 -12.83
CA LYS A 37 3.61 7.59 -14.06
C LYS A 37 2.94 8.90 -13.71
N ILE A 38 2.76 9.74 -14.71
CA ILE A 38 2.03 10.99 -14.60
C ILE A 38 0.67 10.66 -15.20
N ASN A 39 -0.40 10.93 -14.43
CA ASN A 39 -1.76 10.61 -14.86
C ASN A 39 -2.35 11.66 -15.81
N THR A 40 -3.61 11.46 -16.23
CA THR A 40 -4.31 12.30 -17.20
C THR A 40 -4.67 13.69 -16.65
N ARG A 41 -4.45 13.92 -15.34
CA ARG A 41 -4.66 15.22 -14.70
C ARG A 41 -3.30 15.88 -14.41
N GLY A 42 -2.21 15.23 -14.86
CA GLY A 42 -0.84 15.73 -14.71
C GLY A 42 -0.20 15.52 -13.34
N ALA A 43 -0.78 14.62 -12.52
CA ALA A 43 -0.30 14.30 -11.19
C ALA A 43 0.52 13.00 -11.21
N ARG A 44 1.52 12.86 -10.31
CA ARG A 44 2.29 11.62 -10.22
C ARG A 44 1.49 10.57 -9.45
N GLU A 45 1.49 9.33 -9.95
CA GLU A 45 0.88 8.18 -9.29
C GLU A 45 1.93 7.07 -9.14
N TYR A 46 1.71 6.20 -8.17
CA TYR A 46 2.53 5.00 -7.93
C TYR A 46 1.65 3.77 -8.01
N HIS A 47 2.21 2.69 -8.53
CA HIS A 47 1.52 1.40 -8.63
C HIS A 47 1.82 0.63 -7.38
N VAL A 48 0.78 0.12 -6.72
CA VAL A 48 0.93 -0.62 -5.46
C VAL A 48 0.19 -1.94 -5.46
N GLN A 49 0.69 -2.88 -4.64
CA GLN A 49 -0.02 -4.11 -4.33
C GLN A 49 -0.53 -3.91 -2.91
N PHE A 50 -1.78 -4.28 -2.63
CA PHE A 50 -2.29 -4.21 -1.25
C PHE A 50 -1.94 -5.53 -0.54
N PHE A 51 -1.40 -5.45 0.70
CA PHE A 51 -1.19 -6.63 1.55
C PHE A 51 -2.57 -7.00 2.11
N SER A 52 -2.98 -8.26 1.90
CA SER A 52 -4.29 -8.74 2.24
C SER A 52 -4.41 -10.21 1.86
N ASN A 53 -5.48 -10.85 2.35
CA ASN A 53 -5.83 -12.21 1.93
C ASN A 53 -6.43 -12.16 0.51
N GLN A 54 -6.88 -10.98 0.07
CA GLN A 54 -7.49 -10.77 -1.25
C GLN A 54 -6.48 -9.95 -2.09
N PRO A 55 -5.63 -10.57 -2.93
CA PRO A 55 -4.65 -9.78 -3.71
C PRO A 55 -5.29 -8.76 -4.64
N GLU A 56 -4.87 -7.49 -4.55
CA GLU A 56 -5.36 -6.41 -5.43
C GLU A 56 -4.22 -5.43 -5.70
N ARG A 57 -4.33 -4.66 -6.77
CA ARG A 57 -3.33 -3.66 -7.14
C ARG A 57 -4.08 -2.38 -7.53
N ALA A 58 -3.38 -1.23 -7.48
CA ALA A 58 -3.97 0.05 -7.92
C ALA A 58 -2.91 1.05 -8.22
N TRP A 59 -3.25 2.02 -9.06
CA TRP A 59 -2.46 3.21 -9.30
C TRP A 59 -2.99 4.21 -8.29
N VAL A 60 -2.10 4.80 -7.49
CA VAL A 60 -2.52 5.73 -6.41
C VAL A 60 -1.78 7.06 -6.55
N HIS A 61 -2.52 8.18 -6.41
CA HIS A 61 -1.99 9.54 -6.46
C HIS A 61 -0.94 9.67 -5.36
N GLU A 62 0.22 10.30 -5.65
CA GLU A 62 1.33 10.47 -4.70
C GLU A 62 0.91 11.08 -3.36
N LYS A 63 -0.13 11.96 -3.35
CA LYS A 63 -0.64 12.59 -2.12
C LYS A 63 -1.35 11.57 -1.22
N ARG A 64 -1.74 10.40 -1.79
CA ARG A 64 -2.41 9.32 -1.05
C ARG A 64 -1.47 8.13 -0.74
N VAL A 65 -0.15 8.34 -0.84
CA VAL A 65 0.87 7.32 -0.56
C VAL A 65 1.81 7.88 0.50
N ARG A 66 2.13 7.07 1.54
CA ARG A 66 3.06 7.50 2.61
C ARG A 66 4.05 6.37 2.88
N GLU A 67 5.29 6.69 3.24
CA GLU A 67 6.26 5.63 3.60
C GLU A 67 5.71 4.81 4.77
N TYR A 68 5.84 3.47 4.71
CA TYR A 68 5.39 2.58 5.78
C TYR A 68 6.58 2.35 6.74
N LYS A 69 6.52 2.97 7.92
CA LYS A 69 7.58 2.86 8.93
C LYS A 69 7.27 1.79 9.97
N GLY A 70 5.99 1.48 10.14
CA GLY A 70 5.50 0.50 11.11
C GLY A 70 4.01 0.65 11.32
N HIS A 71 3.34 -0.40 11.80
CA HIS A 71 1.88 -0.40 12.02
C HIS A 71 1.38 0.69 12.97
N LYS A 72 2.23 1.12 13.94
CA LYS A 72 1.87 2.15 14.92
C LYS A 72 1.73 3.55 14.30
N GLN A 73 2.23 3.72 13.07
CA GLN A 73 2.13 4.98 12.31
C GLN A 73 0.65 5.30 11.94
N TYR A 74 -0.24 4.28 11.97
CA TYR A 74 -1.66 4.45 11.61
C TYR A 74 -2.32 5.63 12.33
N GLU A 75 -2.07 5.78 13.65
CA GLU A 75 -2.60 6.88 14.48
C GLU A 75 -2.17 8.25 13.95
N GLU A 76 -0.92 8.35 13.46
CA GLU A 76 -0.35 9.58 12.88
C GLU A 76 -1.04 9.93 11.57
N LEU A 77 -1.48 8.90 10.82
CA LEU A 77 -2.17 9.07 9.55
C LEU A 77 -3.59 9.62 9.74
N LEU A 78 -4.33 9.09 10.74
CA LEU A 78 -5.69 9.56 11.06
C LEU A 78 -5.68 11.05 11.42
N ALA A 79 -4.67 11.46 12.23
CA ALA A 79 -4.45 12.82 12.71
C ALA A 79 -4.24 13.86 11.60
N GLU A 80 -3.76 13.42 10.41
CA GLU A 80 -3.53 14.28 9.24
C GLU A 80 -4.84 14.89 8.73
N GLN A 92 -15.17 17.66 21.08
CA GLN A 92 -14.85 16.26 21.32
C GLN A 92 -14.03 15.68 20.18
N LYS A 93 -13.31 14.58 20.44
CA LYS A 93 -12.56 13.86 19.43
C LYS A 93 -13.53 12.96 18.67
N ILE A 94 -13.38 12.91 17.35
CA ILE A 94 -14.25 12.11 16.48
C ILE A 94 -13.45 11.03 15.77
N ARG A 95 -13.86 9.78 15.96
CA ARG A 95 -13.23 8.63 15.33
C ARG A 95 -14.26 7.78 14.61
N LYS A 96 -13.94 7.39 13.37
CA LYS A 96 -14.80 6.54 12.57
C LYS A 96 -14.78 5.13 13.18
N PRO A 97 -15.91 4.36 13.16
CA PRO A 97 -15.85 3.01 13.74
C PRO A 97 -15.04 2.09 12.81
N ARG A 98 -14.62 0.96 13.36
CA ARG A 98 -13.82 -0.01 12.64
C ARG A 98 -14.62 -1.31 12.39
N PRO A 99 -15.32 -1.43 11.22
CA PRO A 99 -16.07 -2.68 10.92
C PRO A 99 -15.19 -3.92 11.06
N GLN A 100 -15.65 -4.90 11.88
CA GLN A 100 -14.94 -6.13 12.26
C GLN A 100 -14.32 -6.93 11.09
N ARG A 101 -15.09 -7.16 10.01
CA ARG A 101 -14.63 -7.92 8.84
C ARG A 101 -13.49 -7.22 8.12
N GLU A 102 -13.62 -5.89 7.90
CA GLU A 102 -12.59 -5.07 7.26
C GLU A 102 -11.32 -5.01 8.14
N ARG A 103 -11.53 -4.86 9.46
CA ARG A 103 -10.46 -4.83 10.47
C ARG A 103 -9.64 -6.11 10.42
N ALA A 104 -10.31 -7.29 10.33
CA ALA A 104 -9.66 -8.60 10.26
C ALA A 104 -8.74 -8.69 9.02
N GLN A 105 -9.21 -8.22 7.85
CA GLN A 105 -8.42 -8.21 6.61
C GLN A 105 -7.25 -7.21 6.72
N TRP A 106 -7.49 -6.05 7.39
CA TRP A 106 -6.46 -5.02 7.59
C TRP A 106 -5.37 -5.59 8.53
N ASP A 107 -5.77 -6.30 9.60
CA ASP A 107 -4.85 -6.95 10.53
C ASP A 107 -3.97 -7.95 9.78
N ILE A 108 -4.57 -8.73 8.85
CA ILE A 108 -3.82 -9.71 8.03
C ILE A 108 -2.80 -8.97 7.16
N GLY A 109 -3.24 -7.86 6.51
CA GLY A 109 -2.34 -7.04 5.69
C GLY A 109 -1.19 -6.48 6.49
N ILE A 110 -1.48 -5.96 7.69
CA ILE A 110 -0.46 -5.44 8.59
C ILE A 110 0.56 -6.53 8.99
N ALA A 111 0.08 -7.75 9.31
CA ALA A 111 0.97 -8.84 9.71
C ALA A 111 1.99 -9.13 8.57
N HIS A 112 1.52 -9.10 7.31
CA HIS A 112 2.40 -9.28 6.15
C HIS A 112 3.40 -8.11 6.03
N ALA A 113 2.93 -6.88 6.19
CA ALA A 113 3.77 -5.69 6.07
C ALA A 113 4.85 -5.67 7.17
N GLU A 114 4.48 -6.10 8.39
CA GLU A 114 5.41 -6.18 9.53
C GLU A 114 6.51 -7.20 9.23
N LYS A 115 6.15 -8.33 8.60
CA LYS A 115 7.14 -9.33 8.18
C LYS A 115 8.03 -8.79 7.04
N ALA A 116 7.43 -8.10 6.06
CA ALA A 116 8.11 -7.48 4.91
C ALA A 116 9.12 -6.41 5.36
N LEU A 117 8.82 -5.69 6.44
CA LEU A 117 9.66 -4.64 7.00
C LEU A 117 10.99 -5.19 7.55
N LYS A 118 10.99 -6.47 7.96
CA LYS A 118 12.16 -7.19 8.47
C LYS A 118 13.02 -7.80 7.36
N MET A 119 12.56 -7.70 6.10
CA MET A 119 13.27 -8.21 4.94
C MET A 119 13.98 -7.05 4.23
N THR A 120 14.93 -7.36 3.36
CA THR A 120 15.58 -6.36 2.50
C THR A 120 14.62 -6.15 1.31
N ARG A 121 14.82 -5.09 0.51
CA ARG A 121 14.03 -4.78 -0.68
C ARG A 121 13.97 -5.99 -1.61
N GLU A 122 15.16 -6.56 -1.99
CA GLU A 122 15.26 -7.72 -2.89
C GLU A 122 14.43 -8.89 -2.37
N GLU A 123 14.56 -9.23 -1.07
CA GLU A 123 13.78 -10.29 -0.41
C GLU A 123 12.28 -10.02 -0.49
N ARG A 124 11.83 -8.78 -0.19
CA ARG A 124 10.41 -8.43 -0.24
C ARG A 124 9.90 -8.62 -1.66
N ILE A 125 10.68 -8.14 -2.65
CA ILE A 125 10.31 -8.24 -4.07
C ILE A 125 10.10 -9.72 -4.43
N GLU A 126 11.06 -10.59 -4.07
CA GLU A 126 10.97 -12.02 -4.35
C GLU A 126 9.77 -12.66 -3.65
N GLN A 127 9.56 -12.34 -2.37
CA GLN A 127 8.52 -12.89 -1.51
C GLN A 127 7.09 -12.50 -1.86
N TYR A 128 6.87 -11.24 -2.29
CA TYR A 128 5.53 -10.70 -2.42
C TYR A 128 5.08 -10.29 -3.79
N THR A 129 5.99 -10.05 -4.75
CA THR A 129 5.51 -9.62 -6.08
C THR A 129 4.52 -10.60 -6.67
N PHE A 130 3.31 -10.07 -7.04
CA PHE A 130 2.27 -10.91 -7.63
C PHE A 130 2.66 -11.47 -9.00
N ILE A 131 2.03 -12.61 -9.34
CA ILE A 131 2.11 -13.29 -10.61
C ILE A 131 0.78 -12.94 -11.31
N TYR A 132 0.86 -12.39 -12.52
CA TYR A 132 -0.32 -11.99 -13.28
C TYR A 132 -0.57 -12.96 -14.39
N ILE A 133 -1.80 -13.50 -14.46
CA ILE A 133 -2.19 -14.49 -15.47
C ILE A 133 -3.27 -13.95 -16.37
N ASP A 134 -3.02 -14.00 -17.69
CA ASP A 134 -3.94 -13.60 -18.77
C ASP A 134 -4.99 -14.68 -18.96
C4 EHW B . -10.18 -3.49 0.96
C5 EHW B . -9.11 -4.16 0.32
C6 EHW B . -8.81 -5.50 0.73
C8 EHW B . -7.15 -5.70 -0.86
C10 EHW B . -8.35 -3.64 -0.77
C17 EHW B . -9.46 -2.59 -3.70
C21 EHW B . -10.46 -3.62 -3.76
C22 EHW B . -8.01 -1.60 -5.65
C1 EHW B . -10.86 -4.06 1.99
C11 EHW B . -8.57 -2.27 -1.29
C12 EHW B . -9.01 -1.84 -2.52
C14 EHW B . -8.53 -0.07 -1.41
C16 EHW B . -7.71 -1.00 0.78
C18 EHW B . -9.01 -2.47 -4.98
C2 EHW B . -10.51 -5.33 2.40
C23 EHW B . -11.29 -4.20 -2.66
C3 EHW B . -9.53 -6.07 1.80
C9 EHW B . -7.39 -4.43 -1.37
F24 EHW B . -11.17 -5.87 3.46
N13 EHW B . -9.00 -0.45 -2.57
N15 EHW B . -8.28 -1.11 -0.57
N20 EHW B . -10.58 -4.08 -4.97
N7 EHW B . -7.80 -6.24 0.16
O19 EHW B . -9.67 -3.34 -5.77
#